data_2HYT
#
_entry.id   2HYT
#
_cell.length_a   82.858
_cell.length_b   82.858
_cell.length_c   56.054
_cell.angle_alpha   90.000
_cell.angle_beta   90.000
_cell.angle_gamma   120.000
#
_symmetry.space_group_name_H-M   'P 3 2 1'
#
loop_
_entity.id
_entity.type
_entity.pdbx_description
1 polymer 'TetR-family transcriptional regulator'
2 non-polymer 1,2-ETHANEDIOL
3 water water
#
_entity_poly.entity_id   1
_entity_poly.type   'polypeptide(L)'
_entity_poly.pdbx_seq_one_letter_code
;G(MSE)VRRTRAE(MSE)EETRATLLATARKVFSERGYADTS(MSE)DDLTAQASLTRGALYHHFGDKKGLLAAVVEQID
AE(MSE)DERLQAISDTAEDDWEGFRCRCRAYLE(MSE)ALEPEIQRIVLRDARAVLGGASPDSQRHCVES(MSE)QRLI
DNLIRQGVVAEADPQALASLIYGSLAEAAFWIAEGEDGNARLAQGVAALELLLRGLLVKPR
;
_entity_poly.pdbx_strand_id   A
#
# COMPACT_ATOMS: atom_id res chain seq x y z
N ARG A 5 -31.53 -1.90 -12.99
CA ARG A 5 -30.10 -2.33 -12.86
C ARG A 5 -29.95 -3.32 -11.70
N THR A 6 -29.22 -4.41 -11.95
CA THR A 6 -28.93 -5.39 -10.90
C THR A 6 -27.74 -4.95 -10.09
N ARG A 7 -27.55 -5.57 -8.94
CA ARG A 7 -26.37 -5.36 -8.15
C ARG A 7 -25.11 -5.68 -8.97
N ALA A 8 -25.19 -6.78 -9.72
CA ALA A 8 -24.07 -7.22 -10.54
C ALA A 8 -23.70 -6.16 -11.60
N GLU A 9 -24.71 -5.62 -12.25
CA GLU A 9 -24.50 -4.59 -13.25
C GLU A 9 -23.92 -3.31 -12.62
N GLU A 11 -22.14 -3.20 -9.91
CA GLU A 11 -20.78 -3.47 -9.51
C GLU A 11 -19.85 -3.40 -10.70
N GLU A 12 -20.29 -3.92 -11.85
CA GLU A 12 -19.49 -3.85 -13.08
C GLU A 12 -19.24 -2.40 -13.46
N THR A 13 -20.29 -1.60 -13.47
CA THR A 13 -20.14 -0.19 -13.83
C THR A 13 -19.21 0.54 -12.85
N ARG A 14 -19.40 0.31 -11.55
CA ARG A 14 -18.51 0.93 -10.53
C ARG A 14 -17.04 0.64 -10.83
N ALA A 15 -16.77 -0.64 -11.12
CA ALA A 15 -15.39 -1.06 -11.44
C ALA A 15 -14.81 -0.36 -12.67
N THR A 16 -15.62 -0.19 -13.72
CA THR A 16 -15.17 0.55 -14.92
C THR A 16 -14.89 2.01 -14.58
N LEU A 17 -15.76 2.61 -13.75
CA LEU A 17 -15.56 4.02 -13.40
C LEU A 17 -14.31 4.22 -12.57
N LEU A 18 -14.06 3.26 -11.69
CA LEU A 18 -12.89 3.31 -10.83
CA LEU A 18 -12.90 3.28 -10.84
C LEU A 18 -11.61 3.19 -11.66
N ALA A 19 -11.58 2.28 -12.63
CA ALA A 19 -10.43 2.06 -13.45
C ALA A 19 -10.16 3.32 -14.28
N THR A 20 -11.25 3.90 -14.81
CA THR A 20 -11.10 5.14 -15.60
C THR A 20 -10.62 6.28 -14.76
N ALA A 21 -11.17 6.42 -13.55
CA ALA A 21 -10.71 7.48 -12.65
C ALA A 21 -9.21 7.33 -12.40
N ARG A 22 -8.76 6.09 -12.15
CA ARG A 22 -7.32 5.86 -11.97
C ARG A 22 -6.50 6.29 -13.17
N LYS A 23 -6.99 6.01 -14.36
CA LYS A 23 -6.24 6.37 -15.58
C LYS A 23 -6.16 7.88 -15.72
N VAL A 24 -7.29 8.56 -15.51
CA VAL A 24 -7.31 10.05 -15.64
C VAL A 24 -6.49 10.73 -14.54
N PHE A 25 -6.61 10.26 -13.31
CA PHE A 25 -5.86 10.86 -12.23
C PHE A 25 -4.34 10.69 -12.51
N SER A 26 -3.97 9.58 -13.18
CA SER A 26 -2.56 9.34 -13.51
C SER A 26 -2.08 10.33 -14.53
N GLU A 27 -2.87 10.58 -15.55
CA GLU A 27 -2.47 11.49 -16.60
C GLU A 27 -2.48 12.94 -16.13
N ARG A 28 -3.49 13.31 -15.34
CA ARG A 28 -3.74 14.71 -15.05
C ARG A 28 -3.43 15.16 -13.62
N GLY A 29 -3.40 14.23 -12.66
CA GLY A 29 -3.26 14.56 -11.25
C GLY A 29 -4.59 14.61 -10.53
N TYR A 30 -4.62 14.12 -9.30
CA TYR A 30 -5.86 14.10 -8.51
C TYR A 30 -6.34 15.53 -8.21
N ALA A 31 -5.49 16.39 -7.64
CA ALA A 31 -5.95 17.76 -7.26
C ALA A 31 -6.43 18.57 -8.45
N ASP A 32 -5.79 18.29 -9.60
CA ASP A 32 -6.02 18.99 -10.84
C ASP A 32 -7.30 18.60 -11.52
N THR A 33 -7.91 17.49 -11.11
CA THR A 33 -9.05 16.88 -11.81
C THR A 33 -10.32 16.92 -11.01
N SER A 34 -11.27 17.75 -11.40
CA SER A 34 -12.55 17.78 -10.74
C SER A 34 -13.41 16.61 -11.20
N ASP A 36 -16.31 16.96 -12.60
CA ASP A 36 -16.72 17.35 -13.94
C ASP A 36 -15.62 17.17 -14.98
N ASP A 37 -14.36 17.42 -14.59
CA ASP A 37 -13.23 17.21 -15.52
C ASP A 37 -13.19 15.73 -15.92
N LEU A 38 -13.34 14.86 -14.94
CA LEU A 38 -13.22 13.41 -15.18
C LEU A 38 -14.36 12.98 -16.08
N THR A 39 -15.56 13.49 -15.78
CA THR A 39 -16.74 13.22 -16.59
C THR A 39 -16.51 13.61 -18.06
N ALA A 40 -15.98 14.79 -18.26
CA ALA A 40 -15.69 15.27 -19.61
C ALA A 40 -14.61 14.43 -20.31
N GLN A 41 -13.48 14.18 -19.62
CA GLN A 41 -12.33 13.53 -20.19
C GLN A 41 -12.60 12.09 -20.56
N ALA A 42 -13.48 11.45 -19.77
CA ALA A 42 -13.81 10.04 -19.99
C ALA A 42 -15.12 9.86 -20.75
N SER A 43 -15.74 10.95 -21.16
CA SER A 43 -17.02 10.95 -21.87
C SER A 43 -18.12 10.18 -21.16
N LEU A 44 -18.20 10.42 -19.85
CA LEU A 44 -19.22 9.80 -19.00
C LEU A 44 -20.54 10.58 -19.01
N THR A 45 -21.61 9.87 -18.71
CA THR A 45 -22.90 10.55 -18.47
C THR A 45 -22.83 11.42 -17.23
N ARG A 46 -23.53 12.57 -17.33
CA ARG A 46 -23.66 13.52 -16.24
CA ARG A 46 -23.51 13.48 -16.22
C ARG A 46 -24.14 12.78 -15.02
N GLY A 47 -23.47 12.94 -13.89
CA GLY A 47 -23.96 12.34 -12.65
C GLY A 47 -23.54 10.93 -12.32
N ALA A 48 -22.89 10.23 -13.26
CA ALA A 48 -22.52 8.84 -12.99
C ALA A 48 -21.59 8.68 -11.79
N LEU A 49 -20.55 9.50 -11.77
CA LEU A 49 -19.56 9.47 -10.68
C LEU A 49 -20.19 9.86 -9.34
N TYR A 50 -21.05 10.90 -9.33
CA TYR A 50 -21.72 11.23 -8.07
C TYR A 50 -22.65 10.09 -7.61
N HIS A 51 -23.34 9.49 -8.54
CA HIS A 51 -24.24 8.38 -8.20
C HIS A 51 -23.54 7.20 -7.55
N HIS A 52 -22.37 6.84 -8.10
CA HIS A 52 -21.62 5.72 -7.53
C HIS A 52 -20.79 6.03 -6.29
N PHE A 53 -20.18 7.23 -6.22
CA PHE A 53 -19.17 7.52 -5.20
C PHE A 53 -19.54 8.66 -4.24
N GLY A 54 -20.57 9.43 -4.55
CA GLY A 54 -21.05 10.49 -3.64
C GLY A 54 -20.33 11.81 -3.85
N ASP A 55 -19.01 11.75 -3.64
CA ASP A 55 -18.12 12.92 -3.81
C ASP A 55 -16.75 12.49 -4.23
N LYS A 56 -15.89 13.48 -4.49
CA LYS A 56 -14.52 13.19 -4.91
C LYS A 56 -13.75 12.42 -3.87
N LYS A 57 -13.90 12.76 -2.60
CA LYS A 57 -13.21 12.03 -1.56
C LYS A 57 -13.62 10.56 -1.52
N GLY A 58 -14.90 10.33 -1.76
CA GLY A 58 -15.43 8.96 -1.82
C GLY A 58 -14.79 8.14 -2.97
N LEU A 59 -14.66 8.81 -4.11
CA LEU A 59 -13.98 8.22 -5.26
C LEU A 59 -12.54 7.90 -4.91
N LEU A 60 -11.85 8.89 -4.33
CA LEU A 60 -10.46 8.67 -3.91
C LEU A 60 -10.35 7.46 -2.97
N ALA A 61 -11.24 7.36 -1.98
CA ALA A 61 -11.20 6.21 -1.05
C ALA A 61 -11.36 4.90 -1.79
N ALA A 62 -12.23 4.90 -2.79
CA ALA A 62 -12.49 3.69 -3.52
C ALA A 62 -11.29 3.27 -4.37
N VAL A 63 -10.63 4.25 -4.99
CA VAL A 63 -9.40 4.05 -5.74
C VAL A 63 -8.32 3.50 -4.82
N VAL A 64 -8.16 4.14 -3.65
CA VAL A 64 -7.16 3.67 -2.67
C VAL A 64 -7.40 2.21 -2.24
N GLU A 65 -8.64 1.84 -1.96
CA GLU A 65 -8.99 0.47 -1.62
C GLU A 65 -8.50 -0.52 -2.69
N GLN A 66 -8.69 -0.19 -3.97
CA GLN A 66 -8.25 -1.07 -5.06
CA GLN A 66 -8.27 -1.07 -5.05
C GLN A 66 -6.74 -1.15 -5.11
N ILE A 67 -6.09 0.00 -5.04
CA ILE A 67 -4.65 0.05 -5.02
C ILE A 67 -4.10 -0.77 -3.84
N ASP A 68 -4.67 -0.62 -2.67
CA ASP A 68 -4.23 -1.36 -1.47
C ASP A 68 -4.28 -2.87 -1.71
N ALA A 69 -5.39 -3.33 -2.30
CA ALA A 69 -5.55 -4.75 -2.59
C ALA A 69 -4.49 -5.27 -3.54
N GLU A 70 -4.18 -4.46 -4.55
CA GLU A 70 -3.11 -4.79 -5.50
C GLU A 70 -1.76 -4.85 -4.82
N ASP A 72 -1.19 -5.44 -1.64
CA ASP A 72 -1.15 -6.57 -0.72
CA ASP A 72 -1.22 -6.59 -0.74
C ASP A 72 -0.81 -7.84 -1.51
N GLU A 73 -1.41 -8.00 -2.68
CA GLU A 73 -1.18 -9.17 -3.53
C GLU A 73 0.27 -9.26 -3.96
N ARG A 74 0.84 -8.14 -4.36
CA ARG A 74 2.21 -8.09 -4.85
C ARG A 74 3.23 -8.44 -3.73
N LEU A 75 2.97 -7.91 -2.55
CA LEU A 75 3.83 -8.10 -1.42
C LEU A 75 3.75 -9.53 -0.88
N GLN A 76 2.54 -10.07 -0.78
CA GLN A 76 2.36 -11.46 -0.34
C GLN A 76 3.09 -12.39 -1.31
N ALA A 77 3.04 -12.09 -2.61
CA ALA A 77 3.73 -12.93 -3.59
C ALA A 77 5.24 -12.97 -3.45
N ILE A 78 5.85 -11.87 -3.02
CA ILE A 78 7.27 -11.86 -2.80
C ILE A 78 7.63 -12.86 -1.72
N SER A 79 6.91 -12.86 -0.59
CA SER A 79 7.35 -13.78 0.49
C SER A 79 6.89 -15.21 0.20
N ASP A 80 5.81 -15.35 -0.57
CA ASP A 80 5.33 -16.69 -0.94
C ASP A 80 6.31 -17.42 -1.87
N THR A 81 6.97 -16.66 -2.74
CA THR A 81 7.78 -17.23 -3.79
C THR A 81 9.23 -17.36 -3.35
N ALA A 82 9.55 -16.80 -2.20
CA ALA A 82 10.92 -16.78 -1.73
C ALA A 82 11.51 -18.15 -1.53
N GLU A 83 12.77 -18.25 -1.95
CA GLU A 83 13.62 -19.42 -1.77
C GLU A 83 14.16 -19.50 -0.34
N ASP A 84 14.58 -18.34 0.20
CA ASP A 84 14.98 -18.24 1.61
C ASP A 84 13.97 -17.31 2.29
N ASP A 85 13.36 -17.74 3.39
CA ASP A 85 12.25 -16.98 3.92
C ASP A 85 12.69 -15.66 4.58
N TRP A 86 13.87 -15.65 5.17
CA TRP A 86 14.39 -14.38 5.73
C TRP A 86 14.64 -13.38 4.60
N GLU A 87 15.26 -13.83 3.51
CA GLU A 87 15.53 -12.93 2.39
CA GLU A 87 15.52 -12.96 2.37
C GLU A 87 14.22 -12.51 1.73
N GLY A 88 13.22 -13.38 1.71
CA GLY A 88 11.93 -13.02 1.19
C GLY A 88 11.26 -11.92 2.03
N PHE A 89 11.44 -12.00 3.34
CA PHE A 89 10.92 -10.97 4.25
C PHE A 89 11.63 -9.65 4.02
N ARG A 90 12.95 -9.66 3.92
CA ARG A 90 13.72 -8.42 3.61
C ARG A 90 13.27 -7.86 2.29
N CYS A 91 13.11 -8.72 1.29
CA CYS A 91 12.71 -8.28 -0.03
CA CYS A 91 12.70 -8.28 -0.05
C CYS A 91 11.33 -7.66 -0.03
N ARG A 92 10.41 -8.25 0.71
CA ARG A 92 9.05 -7.73 0.85
C ARG A 92 9.06 -6.34 1.52
N CYS A 93 9.81 -6.24 2.61
CA CYS A 93 9.94 -4.95 3.28
C CYS A 93 10.55 -3.88 2.36
N ARG A 94 11.63 -4.23 1.66
CA ARG A 94 12.24 -3.27 0.73
C ARG A 94 11.27 -2.88 -0.40
N ALA A 95 10.51 -3.87 -0.88
CA ALA A 95 9.57 -3.63 -1.97
C ALA A 95 8.48 -2.61 -1.60
N TYR A 96 8.05 -2.62 -0.35
CA TYR A 96 7.12 -1.65 0.16
C TYR A 96 7.66 -0.23 0.01
N LEU A 97 8.93 -0.04 0.36
CA LEU A 97 9.58 1.25 0.17
C LEU A 97 9.77 1.60 -1.30
N GLU A 98 10.18 0.61 -2.09
CA GLU A 98 10.37 0.79 -3.56
C GLU A 98 9.07 1.23 -4.23
N ALA A 100 7.05 3.34 -3.13
CA ALA A 100 6.87 4.78 -2.90
C ALA A 100 7.36 5.64 -4.07
N LEU A 101 8.11 5.05 -4.98
CA LEU A 101 8.56 5.77 -6.18
C LEU A 101 7.73 5.44 -7.41
N GLU A 102 6.79 4.51 -7.31
CA GLU A 102 5.92 4.23 -8.45
C GLU A 102 4.91 5.36 -8.55
N PRO A 103 4.75 5.95 -9.73
CA PRO A 103 3.91 7.17 -9.79
C PRO A 103 2.51 7.08 -9.17
N GLU A 104 1.76 5.99 -9.39
CA GLU A 104 0.44 5.94 -8.82
C GLU A 104 0.42 5.91 -7.29
N ILE A 105 1.27 5.06 -6.72
CA ILE A 105 1.36 4.92 -5.27
C ILE A 105 1.90 6.20 -4.67
N GLN A 106 2.97 6.71 -5.26
CA GLN A 106 3.57 7.93 -4.77
C GLN A 106 2.56 9.04 -4.66
N ARG A 107 1.77 9.21 -5.72
CA ARG A 107 0.89 10.36 -5.81
C ARG A 107 -0.43 10.09 -5.12
N ILE A 108 -1.15 9.07 -5.60
CA ILE A 108 -2.51 8.81 -5.11
C ILE A 108 -2.56 8.42 -3.61
N VAL A 109 -1.68 7.50 -3.21
CA VAL A 109 -1.68 6.96 -1.85
C VAL A 109 -0.85 7.85 -0.93
N LEU A 110 0.41 8.14 -1.29
CA LEU A 110 1.32 8.76 -0.33
C LEU A 110 1.30 10.26 -0.26
N ARG A 111 0.62 10.89 -1.23
CA ARG A 111 0.44 12.34 -1.26
C ARG A 111 -1.07 12.68 -1.12
N ASP A 112 -1.87 12.22 -2.07
CA ASP A 112 -3.27 12.65 -2.12
C ASP A 112 -4.07 12.06 -0.98
N ALA A 113 -4.10 10.74 -0.84
CA ALA A 113 -4.85 10.11 0.26
C ALA A 113 -4.32 10.57 1.61
N ARG A 114 -3.00 10.75 1.70
CA ARG A 114 -2.40 11.30 2.93
C ARG A 114 -3.03 12.62 3.34
N ALA A 115 -3.10 13.56 2.39
CA ALA A 115 -3.59 14.91 2.68
C ALA A 115 -5.11 14.96 2.79
N VAL A 116 -5.80 14.18 1.96
CA VAL A 116 -7.26 14.27 1.83
C VAL A 116 -8.02 13.37 2.79
N LEU A 117 -7.53 12.15 2.98
CA LEU A 117 -8.22 11.15 3.79
C LEU A 117 -7.53 10.90 5.13
N GLY A 118 -6.37 11.49 5.35
CA GLY A 118 -5.60 11.26 6.55
C GLY A 118 -4.80 9.97 6.54
N GLY A 119 -4.38 9.53 5.37
CA GLY A 119 -3.63 8.30 5.25
C GLY A 119 -4.49 7.05 5.31
N ALA A 120 -3.86 5.90 5.58
CA ALA A 120 -4.55 4.64 5.56
C ALA A 120 -5.58 4.60 6.69
N SER A 121 -6.73 4.00 6.42
CA SER A 121 -7.73 3.83 7.47
C SER A 121 -7.18 2.89 8.55
N PRO A 122 -7.63 3.03 9.80
CA PRO A 122 -7.30 2.03 10.82
C PRO A 122 -7.61 0.61 10.37
N ASP A 123 -8.70 0.39 9.64
CA ASP A 123 -9.01 -0.94 9.14
C ASP A 123 -7.93 -1.45 8.20
N SER A 124 -7.51 -0.58 7.26
CA SER A 124 -6.47 -0.92 6.28
CA SER A 124 -6.48 -0.94 6.29
C SER A 124 -5.15 -1.24 6.99
N GLN A 125 -4.84 -0.45 8.01
CA GLN A 125 -3.66 -0.67 8.81
C GLN A 125 -3.71 -2.05 9.51
N ARG A 126 -4.85 -2.38 10.11
CA ARG A 126 -4.98 -3.66 10.81
C ARG A 126 -4.84 -4.79 9.81
N HIS A 127 -5.38 -4.61 8.62
CA HIS A 127 -5.24 -5.61 7.57
C HIS A 127 -3.75 -5.87 7.17
N CYS A 128 -2.98 -4.80 7.00
CA CYS A 128 -1.59 -4.90 6.64
CA CYS A 128 -1.58 -4.90 6.67
C CYS A 128 -0.84 -5.59 7.77
N VAL A 129 -1.20 -5.21 9.00
CA VAL A 129 -0.54 -5.82 10.15
C VAL A 129 -0.82 -7.32 10.21
N GLU A 130 -2.06 -7.74 9.96
CA GLU A 130 -2.39 -9.15 10.00
CA GLU A 130 -2.42 -9.16 9.98
C GLU A 130 -1.58 -9.95 8.96
N SER A 131 -1.39 -9.37 7.78
CA SER A 131 -0.60 -10.03 6.72
C SER A 131 0.84 -10.18 7.18
N GLN A 133 1.91 -10.14 10.21
CA GLN A 133 1.87 -11.05 11.37
C GLN A 133 2.01 -12.51 10.93
N ARG A 134 1.31 -12.91 9.87
CA ARG A 134 1.38 -14.30 9.36
CA ARG A 134 1.38 -14.31 9.43
C ARG A 134 2.82 -14.65 9.03
N LEU A 135 3.49 -13.73 8.34
CA LEU A 135 4.88 -13.94 7.98
C LEU A 135 5.83 -14.01 9.22
N ILE A 136 5.72 -13.04 10.13
CA ILE A 136 6.51 -13.05 11.35
C ILE A 136 6.30 -14.31 12.16
N ASP A 137 5.06 -14.74 12.34
CA ASP A 137 4.71 -15.97 13.07
CA ASP A 137 4.74 -15.96 13.09
C ASP A 137 5.48 -17.14 12.47
N ASN A 138 5.41 -17.24 11.15
CA ASN A 138 6.15 -18.27 10.42
C ASN A 138 7.65 -18.23 10.72
N LEU A 139 8.27 -17.06 10.63
CA LEU A 139 9.70 -16.92 10.86
C LEU A 139 10.11 -17.19 12.29
N ILE A 140 9.23 -16.84 13.22
CA ILE A 140 9.49 -17.20 14.64
C ILE A 140 9.41 -18.72 14.82
N ARG A 141 8.38 -19.34 14.26
CA ARG A 141 8.25 -20.79 14.34
C ARG A 141 9.46 -21.51 13.73
N GLN A 142 10.00 -20.99 12.63
CA GLN A 142 11.19 -21.54 11.98
C GLN A 142 12.48 -21.36 12.79
N GLY A 143 12.44 -20.55 13.83
CA GLY A 143 13.64 -20.23 14.61
C GLY A 143 14.55 -19.24 13.91
N VAL A 144 14.03 -18.56 12.90
CA VAL A 144 14.80 -17.54 12.17
C VAL A 144 14.77 -16.20 12.91
N VAL A 145 13.56 -15.80 13.33
CA VAL A 145 13.31 -14.55 14.07
C VAL A 145 13.14 -14.88 15.55
N ALA A 146 13.79 -14.05 16.38
CA ALA A 146 13.72 -14.24 17.84
C ALA A 146 12.28 -14.14 18.38
N GLU A 147 12.04 -14.82 19.51
CA GLU A 147 10.71 -14.87 20.08
CA GLU A 147 10.72 -14.87 20.09
C GLU A 147 10.19 -13.47 20.41
N ALA A 148 8.95 -13.22 19.99
CA ALA A 148 8.24 -11.98 20.20
C ALA A 148 6.79 -12.24 19.87
N ASP A 149 5.89 -11.35 20.29
CA ASP A 149 4.51 -11.48 19.89
C ASP A 149 4.42 -11.09 18.42
N PRO A 150 3.94 -12.01 17.56
CA PRO A 150 3.84 -11.68 16.16
C PRO A 150 3.09 -10.41 15.82
N GLN A 151 1.94 -10.18 16.48
CA GLN A 151 1.12 -9.02 16.14
C GLN A 151 1.83 -7.71 16.55
N ALA A 152 2.39 -7.72 17.74
CA ALA A 152 3.19 -6.57 18.21
C ALA A 152 4.34 -6.23 17.26
N LEU A 153 5.09 -7.24 16.85
CA LEU A 153 6.24 -7.03 15.99
C LEU A 153 5.80 -6.59 14.62
N ALA A 154 4.70 -7.16 14.12
CA ALA A 154 4.16 -6.74 12.84
C ALA A 154 3.72 -5.29 12.85
N SER A 155 3.14 -4.82 13.98
CA SER A 155 2.71 -3.41 14.10
CA SER A 155 2.72 -3.42 14.04
C SER A 155 3.89 -2.46 13.98
N LEU A 156 4.97 -2.82 14.68
CA LEU A 156 6.19 -2.05 14.65
C LEU A 156 6.76 -1.99 13.23
N ILE A 157 6.89 -3.16 12.61
CA ILE A 157 7.47 -3.22 11.26
C ILE A 157 6.63 -2.45 10.23
N TYR A 158 5.34 -2.76 10.17
CA TYR A 158 4.42 -2.07 9.29
C TYR A 158 4.51 -0.55 9.51
N GLY A 159 4.51 -0.09 10.80
CA GLY A 159 4.60 1.33 11.09
C GLY A 159 5.86 1.96 10.52
N SER A 160 6.98 1.26 10.67
CA SER A 160 8.25 1.80 10.16
C SER A 160 8.18 2.02 8.65
N LEU A 161 7.62 1.02 7.98
CA LEU A 161 7.58 1.02 6.51
C LEU A 161 6.64 2.08 6.01
N ALA A 162 5.46 2.18 6.64
CA ALA A 162 4.47 3.16 6.25
C ALA A 162 5.02 4.56 6.38
N GLU A 163 5.73 4.84 7.47
CA GLU A 163 6.26 6.18 7.66
C GLU A 163 7.43 6.48 6.71
N ALA A 164 8.30 5.52 6.56
CA ALA A 164 9.44 5.68 5.65
C ALA A 164 8.94 5.90 4.21
N ALA A 165 7.87 5.22 3.80
CA ALA A 165 7.28 5.45 2.45
C ALA A 165 6.78 6.88 2.30
N PHE A 166 6.10 7.41 3.31
CA PHE A 166 5.70 8.83 3.30
C PHE A 166 6.90 9.74 3.11
N TRP A 167 7.94 9.45 3.84
CA TRP A 167 9.16 10.25 3.86
C TRP A 167 9.77 10.19 2.46
N ILE A 168 9.87 9.01 1.89
CA ILE A 168 10.45 8.89 0.54
C ILE A 168 9.61 9.71 -0.45
N ALA A 169 8.30 9.66 -0.31
CA ALA A 169 7.38 10.33 -1.23
C ALA A 169 7.35 11.86 -1.04
N GLU A 170 7.90 12.37 0.09
CA GLU A 170 8.03 13.83 0.40
C GLU A 170 9.24 14.47 -0.30
N GLY A 171 10.25 13.65 -0.63
CA GLY A 171 11.47 14.16 -1.24
C GLY A 171 11.22 14.72 -2.65
N GLU A 172 12.00 15.74 -2.98
CA GLU A 172 12.21 16.08 -4.39
C GLU A 172 13.12 14.97 -4.97
N ASP A 173 13.98 14.39 -4.13
CA ASP A 173 14.85 13.31 -4.56
C ASP A 173 14.43 12.00 -3.90
N GLY A 174 13.32 11.46 -4.39
CA GLY A 174 12.83 10.19 -3.90
C GLY A 174 13.83 9.07 -4.12
N ASN A 175 14.55 9.07 -5.25
CA ASN A 175 15.53 8.01 -5.48
C ASN A 175 16.60 7.94 -4.42
N ALA A 176 17.11 9.11 -4.04
CA ALA A 176 18.11 9.23 -2.96
C ALA A 176 17.52 8.74 -1.64
N ARG A 177 16.34 9.23 -1.29
CA ARG A 177 15.69 8.85 -0.03
C ARG A 177 15.41 7.34 -0.01
N LEU A 178 14.98 6.79 -1.13
CA LEU A 178 14.76 5.32 -1.15
C LEU A 178 16.00 4.51 -0.73
N ALA A 179 17.17 4.81 -1.30
CA ALA A 179 18.41 4.12 -0.93
C ALA A 179 18.73 4.27 0.57
N GLN A 180 18.57 5.48 1.06
CA GLN A 180 18.78 5.78 2.50
C GLN A 180 17.81 5.00 3.36
N GLY A 181 16.55 4.98 2.95
CA GLY A 181 15.54 4.23 3.70
C GLY A 181 15.82 2.75 3.77
N VAL A 182 16.19 2.18 2.63
CA VAL A 182 16.48 0.77 2.58
C VAL A 182 17.69 0.45 3.44
N ALA A 183 18.72 1.29 3.38
CA ALA A 183 19.93 1.02 4.19
C ALA A 183 19.60 1.10 5.67
N ALA A 184 18.81 2.09 6.07
CA ALA A 184 18.46 2.22 7.50
C ALA A 184 17.58 1.03 7.92
N LEU A 185 16.63 0.69 7.07
CA LEU A 185 15.74 -0.44 7.34
C LEU A 185 16.52 -1.72 7.66
N GLU A 186 17.57 -1.96 6.88
CA GLU A 186 18.37 -3.17 7.07
C GLU A 186 18.97 -3.24 8.48
N LEU A 187 19.36 -2.10 9.06
CA LEU A 187 19.85 -2.07 10.42
C LEU A 187 18.76 -2.41 11.42
N LEU A 188 17.57 -1.89 11.20
CA LEU A 188 16.47 -2.29 12.10
C LEU A 188 16.12 -3.76 11.99
N LEU A 189 16.13 -4.30 10.79
CA LEU A 189 15.68 -5.68 10.61
C LEU A 189 16.70 -6.68 11.14
N ARG A 190 17.97 -6.34 11.08
CA ARG A 190 18.97 -7.36 11.39
C ARG A 190 18.90 -7.85 12.84
N GLY A 191 18.37 -7.02 13.74
CA GLY A 191 18.23 -7.37 15.16
C GLY A 191 17.17 -8.42 15.40
N LEU A 192 16.26 -8.59 14.44
CA LEU A 192 15.25 -9.64 14.59
C LEU A 192 15.79 -11.04 14.54
N LEU A 193 16.96 -11.24 13.92
CA LEU A 193 17.51 -12.58 13.74
C LEU A 193 17.99 -13.20 15.04
N VAL A 194 17.71 -14.49 15.20
CA VAL A 194 18.28 -15.27 16.30
C VAL A 194 19.81 -15.35 16.11
N LYS A 195 20.22 -15.69 14.90
CA LYS A 195 21.61 -15.92 14.53
C LYS A 195 21.99 -14.95 13.41
N PRO A 196 22.96 -14.05 13.65
CA PRO A 196 23.36 -13.13 12.58
C PRO A 196 23.87 -13.84 11.33
N ARG A 197 23.67 -13.21 10.18
CA ARG A 197 24.15 -13.72 8.91
C ARG A 197 25.30 -12.87 8.36
#